data_2R5F
#
_entry.id   2R5F
#
_cell.length_a   42.112
_cell.length_b   42.112
_cell.length_c   144.782
_cell.angle_alpha   90.000
_cell.angle_beta   90.000
_cell.angle_gamma   90.000
#
_symmetry.space_group_name_H-M   'P 43'
#
loop_
_entity.id
_entity.type
_entity.pdbx_description
1 polymer 'Transcriptional regulator, putative'
2 non-polymer 'SULFATE ION'
3 water water
#
_entity_poly.entity_id   1
_entity_poly.type   'polypeptide(L)'
_entity_poly.pdbx_seq_one_letter_code
;SNARPQGLHLELETRLQK(MSE)YGIRQVIVVEATEPDDEESIKQAIGSAAAHYLETSLSAQDHIGISSWSSTIRA
(MSE)VSH(MSE)HPQPGKQSAQEVVQLLGGVGNKGAFEATLLTQRLATLLNCPAFLLPSQSIEQSVESKQRIVE(MSE)
EEVKEVLHRFDSITLAIVGIGELEPSQLLRNSGNYYTED(MSE)LRVLAERGAVGDICLRYFDAQGKPVLEEDEEFVVS
(MSE)GLGKLRSINRVLGLAGGVRKVQAIKGALLGGYLDVLITDVGTARGLGG
;
_entity_poly.pdbx_strand_id   A
#
loop_
_chem_comp.id
_chem_comp.type
_chem_comp.name
_chem_comp.formula
SO4 non-polymer 'SULFATE ION' 'O4 S -2'
#
# COMPACT_ATOMS: atom_id res chain seq x y z
N GLN A 6 -15.60 5.11 -13.34
CA GLN A 6 -14.96 5.81 -12.19
C GLN A 6 -15.75 7.05 -11.78
N GLY A 7 -15.60 7.47 -10.53
CA GLY A 7 -16.18 8.73 -10.03
C GLY A 7 -17.67 8.73 -9.77
N LEU A 8 -18.26 7.55 -9.63
CA LEU A 8 -19.70 7.44 -9.40
C LEU A 8 -20.12 7.67 -7.93
N HIS A 9 -19.17 7.87 -7.01
CA HIS A 9 -19.50 8.05 -5.57
C HIS A 9 -18.79 9.20 -4.89
N LEU A 10 -18.98 10.41 -5.44
CA LEU A 10 -18.20 11.59 -5.04
C LEU A 10 -18.60 12.11 -3.68
N GLU A 11 -19.89 11.98 -3.37
CA GLU A 11 -20.40 12.34 -2.06
C GLU A 11 -19.91 11.38 -0.95
N LEU A 12 -19.89 10.10 -1.23
CA LEU A 12 -19.35 9.12 -0.27
C LEU A 12 -17.85 9.40 0.00
N GLU A 13 -17.09 9.61 -1.06
CA GLU A 13 -15.69 10.03 -0.95
C GLU A 13 -15.51 11.22 0.00
N THR A 14 -16.28 12.30 -0.27
CA THR A 14 -16.29 13.49 0.56
C THR A 14 -16.57 13.27 2.06
N ARG A 15 -17.61 12.49 2.39
CA ARG A 15 -17.95 12.19 3.80
C ARG A 15 -16.82 11.43 4.52
N LEU A 16 -16.23 10.46 3.85
CA LEU A 16 -15.12 9.67 4.38
C LEU A 16 -13.89 10.55 4.65
N GLN A 17 -13.57 11.43 3.69
CA GLN A 17 -12.50 12.43 3.84
C GLN A 17 -12.73 13.32 5.05
N LYS A 18 -13.95 13.79 5.26
CA LYS A 18 -14.27 14.59 6.44
C LYS A 18 -14.26 13.76 7.73
N MSE A 19 -14.90 12.58 7.70
CA MSE A 19 -14.99 11.70 8.88
C MSE A 19 -13.64 11.27 9.45
O MSE A 19 -13.45 11.24 10.66
CB MSE A 19 -15.77 10.44 8.58
CG MSE A 19 -17.24 10.64 8.51
SE MSE A 19 -18.09 8.92 8.10
CE MSE A 19 -17.52 7.90 9.69
N TYR A 20 -12.73 10.91 8.55
CA TYR A 20 -11.44 10.34 8.93
C TYR A 20 -10.27 11.33 8.81
N GLY A 21 -10.56 12.55 8.39
CA GLY A 21 -9.50 13.57 8.18
C GLY A 21 -8.43 13.08 7.24
N ILE A 22 -8.84 12.34 6.20
CA ILE A 22 -7.92 11.89 5.19
C ILE A 22 -8.08 12.80 3.98
N ARG A 23 -6.95 13.11 3.33
CA ARG A 23 -6.91 13.99 2.18
C ARG A 23 -7.79 13.53 1.02
N GLN A 24 -7.62 12.28 0.59
CA GLN A 24 -8.31 11.79 -0.60
C GLN A 24 -8.82 10.39 -0.42
N VAL A 25 -10.06 10.16 -0.85
CA VAL A 25 -10.60 8.82 -0.95
C VAL A 25 -11.11 8.69 -2.38
N ILE A 26 -10.79 7.58 -3.02
CA ILE A 26 -11.25 7.26 -4.38
C ILE A 26 -12.08 6.03 -4.21
N VAL A 27 -13.34 6.06 -4.66
CA VAL A 27 -14.23 4.90 -4.53
C VAL A 27 -14.50 4.28 -5.90
N VAL A 28 -14.27 2.96 -5.98
CA VAL A 28 -14.43 2.19 -7.20
C VAL A 28 -15.59 1.21 -7.04
N GLU A 29 -16.24 0.87 -8.15
CA GLU A 29 -17.22 -0.20 -8.17
C GLU A 29 -16.59 -1.47 -8.74
N ALA A 30 -16.65 -2.55 -7.97
CA ALA A 30 -16.25 -3.87 -8.45
C ALA A 30 -17.28 -4.38 -9.46
N THR A 31 -16.83 -5.07 -10.50
CA THR A 31 -17.76 -5.77 -11.38
C THR A 31 -18.65 -6.69 -10.53
N GLU A 32 -18.04 -7.46 -9.62
CA GLU A 32 -18.79 -8.31 -8.72
C GLU A 32 -18.61 -7.78 -7.29
N PRO A 33 -19.52 -6.89 -6.86
CA PRO A 33 -19.40 -6.04 -5.68
C PRO A 33 -19.16 -6.75 -4.35
N ASP A 34 -19.49 -8.04 -4.29
CA ASP A 34 -19.30 -8.77 -3.04
C ASP A 34 -18.18 -9.82 -3.15
N ASP A 35 -17.33 -9.70 -4.18
CA ASP A 35 -16.27 -10.67 -4.43
C ASP A 35 -14.90 -10.06 -4.20
N GLU A 36 -14.09 -10.74 -3.40
CA GLU A 36 -12.75 -10.25 -2.99
C GLU A 36 -11.86 -9.97 -4.19
N GLU A 37 -11.86 -10.88 -5.17
CA GLU A 37 -10.99 -10.80 -6.34
C GLU A 37 -11.43 -9.70 -7.32
N SER A 38 -12.75 -9.60 -7.51
CA SER A 38 -13.31 -8.52 -8.31
C SER A 38 -12.98 -7.16 -7.68
N ILE A 39 -13.08 -7.09 -6.35
CA ILE A 39 -12.70 -5.90 -5.59
C ILE A 39 -11.21 -5.56 -5.72
N LYS A 40 -10.34 -6.57 -5.65
CA LYS A 40 -8.89 -6.31 -5.75
C LYS A 40 -8.54 -5.75 -7.12
N GLN A 41 -9.22 -6.25 -8.16
CA GLN A 41 -8.93 -5.87 -9.55
C GLN A 41 -9.39 -4.45 -9.88
N ALA A 42 -10.57 -4.08 -9.34
CA ALA A 42 -11.06 -2.70 -9.44
C ALA A 42 -10.13 -1.71 -8.73
N ILE A 43 -9.71 -2.06 -7.52
CA ILE A 43 -8.76 -1.21 -6.75
C ILE A 43 -7.41 -1.11 -7.46
N GLY A 44 -6.86 -2.27 -7.84
CA GLY A 44 -5.59 -2.27 -8.60
C GLY A 44 -5.67 -1.43 -9.86
N SER A 45 -6.72 -1.60 -10.64
CA SER A 45 -6.91 -0.80 -11.87
C SER A 45 -6.97 0.71 -11.63
N ALA A 46 -7.73 1.12 -10.61
CA ALA A 46 -7.81 2.53 -10.25
C ALA A 46 -6.44 3.03 -9.78
N ALA A 47 -5.72 2.18 -9.04
CA ALA A 47 -4.36 2.47 -8.54
C ALA A 47 -3.36 2.70 -9.68
N ALA A 48 -3.42 1.83 -10.70
CA ALA A 48 -2.58 1.98 -11.88
C ALA A 48 -2.78 3.35 -12.51
N HIS A 49 -4.05 3.73 -12.68
N HIS A 49 -4.04 3.76 -12.67
CA HIS A 49 -4.43 5.00 -13.31
CA HIS A 49 -4.35 5.03 -13.33
C HIS A 49 -3.96 6.19 -12.48
C HIS A 49 -3.95 6.22 -12.47
N TYR A 50 -4.18 6.11 -11.17
CA TYR A 50 -3.71 7.12 -10.18
C TYR A 50 -2.21 7.42 -10.35
N LEU A 51 -1.43 6.35 -10.45
CA LEU A 51 0.00 6.42 -10.55
C LEU A 51 0.40 6.96 -11.92
N GLU A 52 -0.42 6.66 -12.95
CA GLU A 52 -0.26 7.25 -14.28
C GLU A 52 -0.52 8.75 -14.33
N THR A 53 -1.36 9.28 -13.46
CA THR A 53 -1.68 10.69 -13.53
C THR A 53 -1.17 11.52 -12.36
N SER A 54 -0.78 10.85 -11.27
CA SER A 54 -0.41 11.52 -10.03
C SER A 54 1.02 11.24 -9.61
N LEU A 55 1.75 10.47 -10.41
CA LEU A 55 3.16 10.22 -10.13
C LEU A 55 4.08 11.26 -10.74
N SER A 56 5.08 11.65 -9.95
CA SER A 56 6.12 12.60 -10.36
C SER A 56 7.43 11.83 -10.57
N ALA A 57 8.29 12.36 -11.45
CA ALA A 57 9.59 11.73 -11.74
C ALA A 57 10.54 11.87 -10.56
N GLN A 58 10.23 12.81 -9.66
CA GLN A 58 11.00 13.06 -8.45
C GLN A 58 10.62 12.14 -7.28
N ASP A 59 9.52 11.42 -7.41
CA ASP A 59 9.00 10.55 -6.34
C ASP A 59 9.91 9.34 -6.11
N HIS A 60 10.15 9.02 -4.84
CA HIS A 60 10.87 7.84 -4.42
C HIS A 60 9.82 6.93 -3.81
N ILE A 61 9.51 5.83 -4.50
CA ILE A 61 8.39 4.99 -4.17
C ILE A 61 8.77 3.82 -3.26
N GLY A 62 7.98 3.56 -2.21
CA GLY A 62 8.16 2.34 -1.41
C GLY A 62 6.90 1.54 -1.63
N ILE A 63 7.00 0.22 -1.77
CA ILE A 63 5.79 -0.60 -1.88
C ILE A 63 5.81 -1.78 -0.90
N SER A 64 4.64 -2.08 -0.37
CA SER A 64 4.40 -3.29 0.42
C SER A 64 4.32 -4.51 -0.51
N SER A 65 5.47 -5.12 -0.81
CA SER A 65 5.48 -6.04 -1.94
C SER A 65 4.71 -7.37 -1.74
N TRP A 66 4.38 -7.71 -0.49
CA TRP A 66 3.57 -8.92 -0.23
C TRP A 66 2.07 -8.78 -0.54
N SER A 67 1.63 -7.57 -0.88
CA SER A 67 0.22 -7.30 -1.13
C SER A 67 -0.29 -7.74 -2.51
N SER A 68 -1.39 -8.51 -2.53
CA SER A 68 -2.00 -8.94 -3.80
C SER A 68 -2.78 -7.86 -4.50
N THR A 69 -3.23 -6.88 -3.74
CA THR A 69 -3.87 -5.69 -4.29
C THR A 69 -2.84 -4.85 -5.06
N ILE A 70 -1.63 -4.74 -4.53
CA ILE A 70 -0.52 -4.08 -5.23
C ILE A 70 -0.10 -4.92 -6.43
N ARG A 71 -0.09 -6.26 -6.27
CA ARG A 71 0.10 -7.14 -7.44
C ARG A 71 -0.94 -6.86 -8.53
N ALA A 72 -2.22 -6.70 -8.14
CA ALA A 72 -3.25 -6.30 -9.10
C ALA A 72 -2.93 -4.94 -9.78
N MSE A 73 -2.46 -3.97 -9.00
CA MSE A 73 -2.08 -2.67 -9.59
C MSE A 73 -1.02 -2.87 -10.66
O MSE A 73 -1.19 -2.43 -11.77
CB MSE A 73 -1.58 -1.70 -8.55
CG MSE A 73 -1.07 -0.37 -9.10
SE MSE A 73 -0.14 0.61 -7.71
CE MSE A 73 1.62 -0.24 -7.82
N VAL A 74 0.06 -3.58 -10.32
CA VAL A 74 1.18 -3.70 -11.27
C VAL A 74 0.72 -4.38 -12.57
N SER A 75 -0.12 -5.40 -12.44
CA SER A 75 -0.60 -6.13 -13.62
C SER A 75 -1.53 -5.32 -14.51
N HIS A 76 -2.03 -4.20 -14.00
CA HIS A 76 -2.87 -3.26 -14.76
C HIS A 76 -2.09 -2.11 -15.41
N MSE A 77 -0.79 -2.04 -15.16
CA MSE A 77 0.04 -0.99 -15.78
C MSE A 77 0.88 -1.47 -16.96
O MSE A 77 1.12 -2.68 -17.14
CB MSE A 77 0.84 -0.18 -14.75
CG MSE A 77 1.49 -0.92 -13.61
SE MSE A 77 1.95 0.26 -12.04
CE MSE A 77 3.07 1.58 -12.95
N HIS A 78 1.33 -0.53 -17.78
CA HIS A 78 1.96 -0.83 -19.07
C HIS A 78 3.39 -0.26 -19.19
N PRO A 79 4.21 -0.87 -20.08
CA PRO A 79 5.59 -0.39 -20.34
C PRO A 79 5.63 0.92 -21.12
N GLY A 82 9.84 4.86 -23.67
CA GLY A 82 10.04 4.64 -22.24
C GLY A 82 11.06 5.60 -21.68
N LYS A 83 10.62 6.43 -20.73
CA LYS A 83 11.48 7.42 -20.06
C LYS A 83 11.22 7.32 -18.55
N GLN A 84 12.16 7.82 -17.73
CA GLN A 84 12.11 7.63 -16.26
C GLN A 84 10.86 8.27 -15.59
N SER A 85 10.09 7.45 -14.90
CA SER A 85 8.84 7.91 -14.28
C SER A 85 8.92 8.02 -12.76
N ALA A 86 10.05 7.65 -12.18
CA ALA A 86 10.28 7.79 -10.75
C ALA A 86 11.76 7.71 -10.46
N GLN A 87 12.18 8.17 -9.29
CA GLN A 87 13.56 8.01 -8.81
C GLN A 87 13.96 6.57 -8.40
N GLU A 88 13.10 5.86 -7.69
CA GLU A 88 13.41 4.47 -7.28
C GLU A 88 12.13 3.78 -6.75
N VAL A 89 12.18 2.45 -6.65
CA VAL A 89 11.14 1.64 -6.05
C VAL A 89 11.85 0.81 -4.98
N VAL A 90 11.44 1.00 -3.73
CA VAL A 90 12.05 0.30 -2.58
C VAL A 90 11.05 -0.72 -2.06
N GLN A 91 11.54 -1.94 -1.86
CA GLN A 91 10.77 -2.99 -1.21
C GLN A 91 10.64 -2.65 0.27
N LEU A 92 9.41 -2.54 0.78
CA LEU A 92 9.22 -2.07 2.17
C LEU A 92 9.00 -3.16 3.20
N LEU A 93 8.96 -4.41 2.76
CA LEU A 93 8.77 -5.57 3.65
C LEU A 93 9.39 -6.79 2.98
N GLY A 94 10.18 -7.54 3.74
CA GLY A 94 10.80 -8.75 3.24
C GLY A 94 10.89 -9.78 4.36
N GLY A 95 10.77 -11.06 3.98
CA GLY A 95 10.83 -12.17 4.92
C GLY A 95 11.49 -13.34 4.24
N VAL A 96 11.13 -14.56 4.68
CA VAL A 96 11.75 -15.78 4.16
C VAL A 96 10.67 -16.71 3.57
N GLY A 97 10.98 -17.32 2.34
CA GLY A 97 10.03 -18.24 1.74
C GLY A 97 9.93 -19.51 2.61
N GLY A 100 6.61 -16.95 -2.71
CA GLY A 100 6.18 -16.06 -1.63
C GLY A 100 7.07 -14.85 -1.46
N ALA A 101 8.21 -15.04 -0.80
CA ALA A 101 9.23 -13.98 -0.61
C ALA A 101 9.87 -13.54 -1.93
N PHE A 102 10.11 -14.54 -2.79
CA PHE A 102 10.69 -14.33 -4.11
C PHE A 102 9.74 -13.59 -5.00
N GLU A 103 8.47 -13.96 -4.95
CA GLU A 103 7.41 -13.29 -5.69
C GLU A 103 7.26 -11.84 -5.27
N ALA A 104 7.54 -11.55 -3.99
CA ALA A 104 7.48 -10.18 -3.48
C ALA A 104 8.67 -9.37 -3.98
N THR A 105 9.81 -10.02 -4.08
CA THR A 105 11.00 -9.41 -4.68
C THR A 105 10.80 -9.10 -6.18
N LEU A 106 10.34 -10.10 -6.92
CA LEU A 106 10.04 -9.96 -8.33
C LEU A 106 9.01 -8.86 -8.63
N LEU A 107 8.04 -8.68 -7.73
CA LEU A 107 7.01 -7.65 -7.91
C LEU A 107 7.57 -6.24 -7.83
N THR A 108 8.45 -6.02 -6.86
CA THR A 108 9.13 -4.74 -6.65
C THR A 108 9.96 -4.41 -7.87
N GLN A 109 10.69 -5.42 -8.36
CA GLN A 109 11.53 -5.32 -9.55
C GLN A 109 10.71 -5.01 -10.80
N ARG A 110 9.63 -5.77 -11.00
CA ARG A 110 8.70 -5.54 -12.09
C ARG A 110 8.24 -4.09 -12.15
N LEU A 111 7.87 -3.50 -11.01
CA LEU A 111 7.43 -2.11 -10.92
C LEU A 111 8.52 -1.09 -11.27
N ALA A 112 9.75 -1.36 -10.83
CA ALA A 112 10.89 -0.55 -11.22
C ALA A 112 11.14 -0.61 -12.74
N THR A 113 10.96 -1.79 -13.32
CA THR A 113 11.13 -1.96 -14.75
C THR A 113 10.11 -1.10 -15.49
N LEU A 114 8.85 -1.24 -15.09
CA LEU A 114 7.76 -0.43 -15.64
C LEU A 114 8.03 1.08 -15.59
N LEU A 115 8.48 1.56 -14.44
CA LEU A 115 8.78 2.97 -14.22
C LEU A 115 10.14 3.43 -14.72
N ASN A 116 10.92 2.48 -15.27
CA ASN A 116 12.27 2.75 -15.77
C ASN A 116 13.25 3.28 -14.75
N CYS A 117 13.18 2.77 -13.54
CA CYS A 117 14.03 3.28 -12.47
C CYS A 117 14.73 2.12 -11.73
N PRO A 118 15.68 2.46 -10.85
CA PRO A 118 16.29 1.44 -9.98
C PRO A 118 15.35 0.82 -8.91
N ALA A 119 15.58 -0.45 -8.58
CA ALA A 119 14.83 -1.15 -7.52
C ALA A 119 15.77 -1.40 -6.37
N PHE A 120 15.27 -1.34 -5.15
CA PHE A 120 16.04 -1.69 -3.94
C PHE A 120 15.23 -2.80 -3.27
N LEU A 121 15.80 -4.00 -3.28
CA LEU A 121 15.10 -5.24 -3.01
C LEU A 121 15.62 -5.93 -1.75
N LEU A 122 14.78 -6.76 -1.16
CA LEU A 122 15.13 -7.56 0.01
C LEU A 122 14.92 -9.03 -0.34
N PRO A 123 15.89 -9.63 -1.05
CA PRO A 123 15.79 -11.00 -1.51
C PRO A 123 15.60 -12.02 -0.41
N SER A 124 14.60 -12.86 -0.65
CA SER A 124 14.65 -14.27 -0.30
C SER A 124 13.94 -15.05 -1.48
N GLN A 135 31.34 -13.09 11.55
CA GLN A 135 30.43 -13.72 10.59
C GLN A 135 29.63 -12.70 9.76
N ARG A 136 30.18 -11.49 9.61
CA ARG A 136 29.70 -10.51 8.62
C ARG A 136 29.70 -11.14 7.24
N ILE A 137 28.76 -10.70 6.42
CA ILE A 137 28.40 -11.36 5.19
C ILE A 137 27.77 -10.25 4.36
N VAL A 138 27.95 -10.26 3.04
CA VAL A 138 27.47 -9.14 2.20
C VAL A 138 25.97 -8.89 2.23
N GLU A 139 25.18 -9.92 2.51
CA GLU A 139 23.71 -9.78 2.49
C GLU A 139 23.16 -8.92 3.65
N MSE A 140 24.00 -8.68 4.66
CA MSE A 140 23.67 -7.69 5.70
C MSE A 140 23.72 -6.27 5.12
O MSE A 140 22.95 -5.41 5.49
CB MSE A 140 24.63 -7.83 6.88
CG MSE A 140 24.53 -9.14 7.63
SE MSE A 140 25.98 -9.39 8.87
CE MSE A 140 25.67 -11.24 9.43
N GLU A 141 24.65 -6.04 4.19
CA GLU A 141 24.87 -4.73 3.59
C GLU A 141 23.80 -4.39 2.55
N GLU A 142 23.38 -5.42 1.84
CA GLU A 142 22.21 -5.36 0.97
C GLU A 142 20.95 -4.93 1.69
N VAL A 143 20.77 -5.41 2.93
CA VAL A 143 19.60 -5.03 3.73
C VAL A 143 19.67 -3.56 4.16
N LYS A 144 20.87 -3.10 4.55
CA LYS A 144 21.08 -1.71 4.99
C LYS A 144 20.90 -0.71 3.86
N GLU A 145 21.20 -1.15 2.65
CA GLU A 145 20.99 -0.39 1.42
C GLU A 145 19.50 -0.01 1.25
N VAL A 146 18.62 -0.98 1.44
CA VAL A 146 17.19 -0.74 1.45
C VAL A 146 16.79 0.11 2.65
N LEU A 147 17.26 -0.27 3.85
CA LEU A 147 16.95 0.51 5.06
C LEU A 147 17.31 1.98 4.92
N HIS A 148 18.42 2.24 4.26
CA HIS A 148 18.89 3.59 4.01
C HIS A 148 17.87 4.42 3.21
N ARG A 149 17.18 3.75 2.29
CA ARG A 149 16.27 4.42 1.37
C ARG A 149 14.98 4.89 2.05
N PHE A 150 14.57 4.23 3.13
CA PHE A 150 13.31 4.55 3.83
C PHE A 150 13.14 6.05 4.06
N ASP A 151 14.23 6.72 4.37
CA ASP A 151 14.14 8.12 4.71
C ASP A 151 13.96 9.04 3.48
N SER A 152 14.24 8.52 2.29
CA SER A 152 14.05 9.29 1.06
C SER A 152 12.64 9.09 0.49
N ILE A 153 11.97 8.01 0.88
CA ILE A 153 10.64 7.70 0.31
C ILE A 153 9.62 8.83 0.41
N THR A 154 8.95 9.13 -0.70
CA THR A 154 8.00 10.21 -0.80
C THR A 154 6.58 9.74 -1.10
N LEU A 155 6.45 8.53 -1.67
CA LEU A 155 5.17 7.90 -1.89
C LEU A 155 5.23 6.45 -1.45
N ALA A 156 4.57 6.13 -0.35
CA ALA A 156 4.41 4.72 0.06
C ALA A 156 3.11 4.17 -0.43
N ILE A 157 3.16 3.02 -1.11
CA ILE A 157 1.97 2.33 -1.55
C ILE A 157 1.82 1.04 -0.74
N VAL A 158 0.72 0.90 0.00
CA VAL A 158 0.59 -0.17 1.00
C VAL A 158 -0.77 -0.86 0.95
N GLY A 159 -0.79 -2.16 1.17
CA GLY A 159 -2.04 -2.86 1.35
C GLY A 159 -2.30 -2.79 2.83
N ILE A 160 -3.48 -3.21 3.25
CA ILE A 160 -3.85 -3.21 4.66
C ILE A 160 -4.35 -4.61 4.94
N GLY A 161 -3.70 -5.34 5.85
CA GLY A 161 -4.15 -6.67 6.23
C GLY A 161 -5.10 -6.67 7.43
N GLU A 162 -6.06 -7.58 7.44
CA GLU A 162 -6.91 -7.79 8.61
C GLU A 162 -6.37 -8.93 9.50
N LEU A 163 -6.55 -8.81 10.82
CA LEU A 163 -6.28 -9.92 11.76
C LEU A 163 -7.55 -10.64 12.24
N GLU A 164 -7.67 -11.90 11.82
CA GLU A 164 -8.87 -12.75 11.96
C GLU A 164 -9.68 -12.63 10.67
N LEU A 184 -1.17 -11.69 18.85
CA LEU A 184 -1.40 -10.27 18.64
C LEU A 184 -2.84 -9.86 18.88
N ALA A 185 -3.78 -10.64 18.31
CA ALA A 185 -5.22 -10.37 18.43
C ALA A 185 -5.66 -10.12 19.88
N GLU A 186 -5.43 -11.12 20.73
CA GLU A 186 -5.75 -11.05 22.15
C GLU A 186 -5.05 -9.88 22.86
N ARG A 187 -3.93 -9.42 22.30
CA ARG A 187 -3.25 -8.30 22.92
C ARG A 187 -3.94 -6.98 22.55
N GLY A 188 -4.39 -6.85 21.29
CA GLY A 188 -5.23 -5.73 20.85
C GLY A 188 -5.30 -5.45 19.35
N ALA A 189 -4.53 -6.18 18.54
CA ALA A 189 -4.41 -5.88 17.10
C ALA A 189 -5.63 -6.28 16.27
N VAL A 190 -5.96 -5.41 15.31
CA VAL A 190 -7.06 -5.63 14.35
C VAL A 190 -6.53 -5.76 12.92
N GLY A 191 -5.33 -5.25 12.66
CA GLY A 191 -4.79 -5.22 11.30
C GLY A 191 -3.30 -4.89 11.26
N ASP A 192 -2.76 -4.79 10.04
CA ASP A 192 -1.34 -4.50 9.87
C ASP A 192 -1.11 -3.76 8.56
N ILE A 193 -0.08 -2.91 8.60
CA ILE A 193 0.55 -2.39 7.39
C ILE A 193 2.00 -2.85 7.49
N CYS A 194 2.48 -3.48 6.42
CA CYS A 194 3.85 -4.00 6.31
C CYS A 194 4.25 -4.97 7.44
N LEU A 195 3.31 -5.77 7.90
CA LEU A 195 3.51 -6.65 9.05
C LEU A 195 3.76 -5.84 10.33
N ARG A 196 3.40 -4.56 10.31
CA ARG A 196 3.35 -3.80 11.56
C ARG A 196 1.90 -3.66 12.05
N TYR A 197 1.60 -4.21 13.22
CA TYR A 197 0.23 -4.31 13.71
C TYR A 197 -0.22 -3.10 14.50
N PHE A 198 -1.52 -2.78 14.42
CA PHE A 198 -2.12 -1.65 15.12
C PHE A 198 -3.50 -2.03 15.65
N ASP A 199 -3.98 -1.25 16.61
CA ASP A 199 -5.26 -1.55 17.24
C ASP A 199 -6.40 -0.78 16.54
N ALA A 200 -7.60 -0.89 17.12
CA ALA A 200 -8.81 -0.31 16.52
C ALA A 200 -8.73 1.20 16.32
N GLN A 201 -7.87 1.87 17.09
CA GLN A 201 -7.66 3.31 16.93
C GLN A 201 -6.36 3.66 16.24
N GLY A 202 -5.62 2.66 15.83
CA GLY A 202 -4.45 2.86 14.98
C GLY A 202 -3.17 2.96 15.74
N LYS A 203 -3.23 2.62 17.02
CA LYS A 203 -2.06 2.61 17.90
C LYS A 203 -1.29 1.31 17.68
N PRO A 204 0.04 1.38 17.49
CA PRO A 204 0.82 0.14 17.26
C PRO A 204 0.74 -0.91 18.38
N VAL A 205 0.69 -2.19 18.01
CA VAL A 205 0.74 -3.32 18.96
C VAL A 205 1.85 -4.25 18.52
N VAL A 213 12.08 -10.68 9.25
CA VAL A 213 11.20 -9.60 8.76
C VAL A 213 11.85 -8.20 8.80
N VAL A 214 12.17 -7.71 7.62
CA VAL A 214 12.65 -6.35 7.45
C VAL A 214 11.46 -5.60 6.92
N SER A 215 11.15 -4.45 7.50
CA SER A 215 10.01 -3.68 7.05
C SER A 215 10.03 -2.29 7.67
N MSE A 216 9.38 -1.35 7.01
CA MSE A 216 9.23 -0.01 7.56
C MSE A 216 8.25 0.02 8.72
O MSE A 216 7.21 -0.68 8.69
CB MSE A 216 8.75 0.94 6.47
CG MSE A 216 8.92 2.39 6.86
SE MSE A 216 8.03 3.48 5.57
CE MSE A 216 9.45 3.63 4.25
N GLY A 217 8.58 0.83 9.74
CA GLY A 217 7.77 0.96 10.96
C GLY A 217 6.62 1.93 10.77
N LEU A 218 5.66 1.92 11.71
CA LEU A 218 4.42 2.70 11.56
C LEU A 218 4.65 4.20 11.78
N GLY A 219 5.51 4.54 12.74
CA GLY A 219 5.96 5.90 12.95
C GLY A 219 6.64 6.50 11.73
N LYS A 220 7.55 5.76 11.11
CA LYS A 220 8.18 6.19 9.86
C LYS A 220 7.12 6.39 8.76
N LEU A 221 6.14 5.50 8.70
CA LEU A 221 5.09 5.55 7.69
C LEU A 221 4.30 6.84 7.81
N ARG A 222 3.93 7.20 9.04
CA ARG A 222 3.07 8.35 9.28
C ARG A 222 3.67 9.66 8.72
N SER A 223 4.98 9.83 8.81
CA SER A 223 5.67 11.03 8.31
C SER A 223 5.96 11.09 6.78
N ILE A 224 5.63 10.04 6.02
CA ILE A 224 5.89 10.06 4.57
C ILE A 224 4.99 11.09 3.87
N ASN A 225 5.59 11.88 2.97
CA ASN A 225 4.88 12.88 2.16
C ASN A 225 3.44 12.45 1.75
N ARG A 226 3.31 11.20 1.32
CA ARG A 226 2.07 10.69 0.73
C ARG A 226 2.00 9.17 0.84
N VAL A 227 1.04 8.67 1.60
CA VAL A 227 0.86 7.22 1.74
C VAL A 227 -0.44 6.82 1.06
N LEU A 228 -0.32 5.95 0.07
CA LEU A 228 -1.45 5.42 -0.68
C LEU A 228 -1.82 4.09 -0.06
N GLY A 229 -3.02 4.00 0.52
CA GLY A 229 -3.60 2.70 0.90
C GLY A 229 -4.50 2.06 -0.15
N LEU A 230 -4.28 0.77 -0.43
CA LEU A 230 -5.08 0.05 -1.39
C LEU A 230 -5.74 -1.18 -0.71
N ALA A 231 -7.03 -1.10 -0.41
CA ALA A 231 -7.70 -2.14 0.39
C ALA A 231 -9.22 -2.07 0.28
N GLY A 232 -9.87 -3.22 0.17
CA GLY A 232 -11.31 -3.33 0.25
C GLY A 232 -11.71 -4.74 0.59
N GLY A 233 -12.97 -4.95 0.95
CA GLY A 233 -13.46 -6.25 1.39
C GLY A 233 -14.16 -6.09 2.74
N VAL A 234 -15.28 -6.76 2.93
CA VAL A 234 -16.06 -6.48 4.14
C VAL A 234 -15.25 -6.87 5.39
N ARG A 235 -14.35 -7.84 5.24
CA ARG A 235 -13.50 -8.31 6.34
C ARG A 235 -12.39 -7.34 6.76
N LYS A 236 -12.16 -6.33 5.95
CA LYS A 236 -11.06 -5.39 6.15
C LYS A 236 -11.48 -4.06 6.81
N VAL A 237 -12.79 -3.80 6.87
CA VAL A 237 -13.33 -2.52 7.37
C VAL A 237 -12.69 -2.04 8.73
N GLN A 238 -12.74 -2.87 9.76
CA GLN A 238 -12.17 -2.51 11.07
C GLN A 238 -10.65 -2.21 10.96
N ALA A 239 -9.98 -3.01 10.14
CA ALA A 239 -8.55 -2.84 9.86
C ALA A 239 -8.26 -1.52 9.19
N ILE A 240 -9.00 -1.23 8.11
CA ILE A 240 -8.87 0.04 7.39
C ILE A 240 -9.22 1.26 8.25
N LYS A 241 -10.30 1.17 9.03
CA LYS A 241 -10.64 2.25 9.97
C LYS A 241 -9.53 2.51 10.99
N GLY A 242 -8.97 1.42 11.54
CA GLY A 242 -7.77 1.49 12.39
C GLY A 242 -6.62 2.26 11.74
N ALA A 243 -6.30 1.89 10.49
CA ALA A 243 -5.25 2.58 9.71
C ALA A 243 -5.60 4.06 9.49
N LEU A 244 -6.87 4.36 9.13
CA LEU A 244 -7.40 5.72 9.00
C LEU A 244 -7.32 6.50 10.30
N LEU A 245 -7.70 5.86 11.40
CA LEU A 245 -7.66 6.53 12.70
C LEU A 245 -6.26 6.75 13.23
N GLY A 246 -5.32 5.93 12.80
CA GLY A 246 -3.89 6.11 13.17
C GLY A 246 -3.19 7.17 12.34
N GLY A 247 -3.90 7.67 11.33
CA GLY A 247 -3.38 8.67 10.41
C GLY A 247 -2.34 8.20 9.43
N TYR A 248 -2.35 6.91 9.09
CA TYR A 248 -1.29 6.35 8.26
C TYR A 248 -1.47 6.66 6.78
N LEU A 249 -2.71 6.87 6.36
CA LEU A 249 -3.01 7.04 4.96
C LEU A 249 -3.30 8.49 4.59
N ASP A 250 -2.86 8.86 3.40
CA ASP A 250 -3.18 10.13 2.78
C ASP A 250 -4.17 9.96 1.60
N VAL A 251 -4.11 8.82 0.93
CA VAL A 251 -5.03 8.44 -0.12
C VAL A 251 -5.47 7.01 0.16
N LEU A 252 -6.78 6.79 0.08
CA LEU A 252 -7.30 5.43 0.15
C LEU A 252 -8.08 5.18 -1.10
N ILE A 253 -7.76 4.07 -1.77
CA ILE A 253 -8.58 3.58 -2.86
C ILE A 253 -9.27 2.29 -2.42
N THR A 254 -10.60 2.26 -2.50
CA THR A 254 -11.38 1.18 -1.95
C THR A 254 -12.68 1.03 -2.72
N ASP A 255 -13.40 -0.05 -2.48
CA ASP A 255 -14.67 -0.29 -3.20
C ASP A 255 -15.87 0.36 -2.49
N VAL A 256 -17.02 0.38 -3.15
CA VAL A 256 -18.25 0.96 -2.61
C VAL A 256 -18.71 0.31 -1.29
N GLY A 257 -18.73 -1.01 -1.24
CA GLY A 257 -19.27 -1.71 -0.05
C GLY A 257 -18.41 -1.34 1.15
N THR A 258 -17.09 -1.41 0.97
CA THR A 258 -16.15 -1.05 2.02
C THR A 258 -16.33 0.39 2.44
N ALA A 259 -16.44 1.29 1.48
CA ALA A 259 -16.58 2.70 1.75
C ALA A 259 -17.86 2.96 2.55
N ARG A 260 -18.91 2.22 2.21
CA ARG A 260 -20.18 2.30 2.95
C ARG A 260 -20.07 1.73 4.36
N GLY A 261 -19.37 0.60 4.53
CA GLY A 261 -19.06 0.07 5.86
C GLY A 261 -18.32 1.03 6.79
N LEU A 262 -17.33 1.74 6.24
CA LEU A 262 -16.56 2.81 6.92
C LEU A 262 -17.36 4.10 7.18
N GLY A 263 -18.46 4.29 6.44
CA GLY A 263 -19.09 5.60 6.21
C GLY A 263 -20.12 6.03 7.22
S SO4 B . -3.67 -7.72 0.39
O1 SO4 B . -4.33 -7.99 1.65
O2 SO4 B . -4.55 -7.91 -0.75
O3 SO4 B . -3.16 -6.37 0.33
O4 SO4 B . -2.60 -8.70 0.20
S SO4 C . -22.85 8.09 -2.85
O1 SO4 C . -23.34 8.43 -1.50
O2 SO4 C . -23.84 8.45 -3.86
O3 SO4 C . -21.63 8.87 -3.13
O4 SO4 C . -22.65 6.64 -2.90
#